data_9LWX
#
_entry.id   9LWX
#
_cell.length_a   37.694
_cell.length_b   47.912
_cell.length_c   50.360
_cell.angle_alpha   78.421
_cell.angle_beta   83.693
_cell.angle_gamma   90.096
#
_symmetry.space_group_name_H-M   'P 1'
#
loop_
_entity.id
_entity.type
_entity.pdbx_description
1 polymer Filamin-A
2 water water
#
_entity_poly.entity_id   1
_entity_poly.type   'polypeptide(L)'
_entity_poly.pdbx_seq_one_letter_code
;AMGSGGAHKVRAGGPGLERAEAGVPAEFSIWTREAGAGGLAIAVEGPSKAEISFEDRKDGSCGVAYVVQEPGDYEVSVKF
NEEHIPDSPFVVPVASPS
;
_entity_poly.pdbx_strand_id   D,A,B,C
#
# COMPACT_ATOMS: atom_id res chain seq x y z
N ALA A 1 -9.45 -8.57 -12.72
CA ALA A 1 -9.96 -7.24 -12.41
C ALA A 1 -10.06 -7.01 -10.91
N MET A 2 -9.73 -5.79 -10.48
CA MET A 2 -9.91 -5.36 -9.10
C MET A 2 -10.63 -4.03 -9.10
N GLY A 3 -11.94 -4.05 -8.96
CA GLY A 3 -12.67 -2.85 -8.58
C GLY A 3 -13.49 -2.26 -9.73
N SER A 4 -14.44 -1.41 -9.33
CA SER A 4 -15.17 -0.48 -10.20
C SER A 4 -15.29 0.79 -9.35
N GLY A 5 -14.23 1.59 -9.35
CA GLY A 5 -14.07 2.65 -8.38
C GLY A 5 -13.79 3.99 -9.04
N GLY A 6 -13.53 4.98 -8.20
CA GLY A 6 -13.42 6.35 -8.65
C GLY A 6 -12.05 6.75 -9.18
N ALA A 7 -11.76 6.40 -10.43
CA ALA A 7 -10.56 6.91 -11.07
C ALA A 7 -10.62 8.43 -11.19
N HIS A 8 -11.82 9.01 -11.22
CA HIS A 8 -11.98 10.45 -11.25
C HIS A 8 -11.56 11.10 -9.93
N LYS A 9 -11.47 10.33 -8.85
CA LYS A 9 -11.13 10.84 -7.53
C LYS A 9 -9.65 10.76 -7.23
N VAL A 10 -8.83 10.36 -8.20
CA VAL A 10 -7.40 10.15 -8.00
C VAL A 10 -6.64 11.36 -8.53
N ARG A 11 -5.68 11.85 -7.75
CA ARG A 11 -4.85 12.98 -8.13
C ARG A 11 -3.39 12.53 -8.24
N ALA A 12 -2.63 13.26 -9.05
CA ALA A 12 -1.23 12.94 -9.25
C ALA A 12 -0.41 14.21 -9.32
N GLY A 13 0.86 14.10 -8.98
CA GLY A 13 1.75 15.25 -8.98
C GLY A 13 3.19 14.81 -8.82
N GLY A 14 4.10 15.69 -9.23
CA GLY A 14 5.51 15.42 -9.15
C GLY A 14 6.25 15.79 -10.42
N PRO A 15 7.57 15.94 -10.31
CA PRO A 15 8.35 16.30 -11.51
C PRO A 15 8.32 15.25 -12.59
N GLY A 16 8.13 13.97 -12.24
CA GLY A 16 8.12 12.91 -13.22
C GLY A 16 6.95 12.99 -14.19
N LEU A 17 5.92 13.76 -13.86
CA LEU A 17 4.80 13.99 -14.75
C LEU A 17 4.93 15.30 -15.50
N GLU A 18 6.08 15.96 -15.41
CA GLU A 18 6.36 17.19 -16.15
C GLU A 18 7.57 17.03 -17.06
N ARG A 19 8.69 16.54 -16.53
CA ARG A 19 9.89 16.32 -17.33
C ARG A 19 10.71 15.21 -16.68
N ALA A 20 11.67 14.69 -17.45
CA ALA A 20 12.56 13.66 -16.95
C ALA A 20 13.89 13.76 -17.70
N GLU A 21 14.87 13.00 -17.23
CA GLU A 21 16.16 12.87 -17.88
C GLU A 21 16.45 11.39 -18.14
N ALA A 22 17.11 11.12 -19.25
CA ALA A 22 17.43 9.74 -19.62
C ALA A 22 18.41 9.13 -18.62
N GLY A 23 18.12 7.91 -18.20
CA GLY A 23 18.96 7.24 -17.22
C GLY A 23 18.88 7.79 -15.82
N VAL A 24 17.98 8.74 -15.57
CA VAL A 24 17.80 9.34 -14.26
C VAL A 24 16.39 9.03 -13.79
N PRO A 25 16.22 8.45 -12.59
CA PRO A 25 14.86 8.13 -12.12
C PRO A 25 14.00 9.37 -12.01
N ALA A 26 12.83 9.32 -12.64
CA ALA A 26 11.83 10.36 -12.54
C ALA A 26 10.78 9.95 -11.51
N GLU A 27 10.39 10.88 -10.65
CA GLU A 27 9.56 10.57 -9.50
C GLU A 27 8.29 11.41 -9.52
N PHE A 28 7.17 10.77 -9.17
CA PHE A 28 5.91 11.46 -8.94
C PHE A 28 5.12 10.65 -7.93
N SER A 29 3.96 11.18 -7.53
CA SER A 29 3.13 10.56 -6.52
C SER A 29 1.67 10.53 -6.98
N ILE A 30 0.94 9.53 -6.47
CA ILE A 30 -0.46 9.32 -6.80
C ILE A 30 -1.25 9.32 -5.50
N TRP A 31 -2.26 10.19 -5.41
CA TRP A 31 -3.06 10.35 -4.20
C TRP A 31 -4.40 9.65 -4.40
N THR A 32 -4.60 8.54 -3.66
CA THR A 32 -5.80 7.73 -3.81
C THR A 32 -6.59 7.60 -2.50
N ARG A 33 -6.45 8.55 -1.59
CA ARG A 33 -7.15 8.46 -0.31
C ARG A 33 -8.66 8.52 -0.49
N GLU A 34 -9.13 9.15 -1.56
CA GLU A 34 -10.55 9.36 -1.81
C GLU A 34 -11.17 8.30 -2.71
N ALA A 35 -10.36 7.50 -3.40
CA ALA A 35 -10.89 6.58 -4.40
C ALA A 35 -11.45 5.31 -3.76
N GLY A 36 -10.76 4.76 -2.76
CA GLY A 36 -11.21 3.53 -2.14
C GLY A 36 -10.56 2.29 -2.71
N ALA A 37 -11.34 1.24 -2.91
CA ALA A 37 -10.81 -0.03 -3.40
C ALA A 37 -10.58 0.03 -4.90
N GLY A 38 -9.38 -0.33 -5.32
CA GLY A 38 -9.08 -0.34 -6.74
C GLY A 38 -7.63 -0.65 -7.01
N GLY A 39 -7.32 -0.84 -8.30
CA GLY A 39 -5.98 -1.14 -8.75
C GLY A 39 -5.37 0.06 -9.48
N LEU A 40 -4.06 0.21 -9.33
CA LEU A 40 -3.30 1.27 -9.98
C LEU A 40 -2.48 0.70 -11.13
N ALA A 41 -2.59 1.31 -12.30
CA ALA A 41 -1.83 0.90 -13.48
C ALA A 41 -1.02 2.10 -13.95
N ILE A 42 0.30 1.90 -14.08
CA ILE A 42 1.21 2.94 -14.56
C ILE A 42 1.92 2.42 -15.79
N ALA A 43 1.79 3.13 -16.90
CA ALA A 43 2.47 2.79 -18.13
C ALA A 43 3.20 4.02 -18.65
N VAL A 44 4.43 3.83 -19.10
CA VAL A 44 5.24 4.88 -19.71
C VAL A 44 5.55 4.40 -21.13
N GLU A 45 5.01 5.08 -22.12
CA GLU A 45 5.14 4.67 -23.51
C GLU A 45 5.89 5.73 -24.30
N GLY A 46 6.88 5.28 -25.07
CA GLY A 46 7.73 6.15 -25.84
C GLY A 46 8.83 5.38 -26.52
N PRO A 47 9.92 6.05 -26.87
CA PRO A 47 10.98 5.42 -27.68
C PRO A 47 11.87 4.43 -26.94
N SER A 48 11.59 4.09 -25.69
CA SER A 48 12.41 3.07 -25.03
C SER A 48 11.61 2.43 -23.90
N LYS A 49 12.09 1.26 -23.47
CA LYS A 49 11.46 0.54 -22.39
C LYS A 49 11.59 1.30 -21.08
N ALA A 50 10.53 1.26 -20.28
CA ALA A 50 10.50 1.91 -18.98
C ALA A 50 10.52 0.86 -17.87
N GLU A 51 11.24 1.17 -16.80
CA GLU A 51 11.25 0.35 -15.59
C GLU A 51 10.58 1.17 -14.49
N ILE A 52 9.38 0.76 -14.11
CA ILE A 52 8.53 1.52 -13.20
C ILE A 52 8.49 0.79 -11.87
N SER A 53 8.81 1.51 -10.79
CA SER A 53 8.70 0.98 -9.44
C SER A 53 7.72 1.84 -8.64
N PHE A 54 7.06 1.20 -7.68
CA PHE A 54 6.11 1.90 -6.83
C PHE A 54 6.37 1.54 -5.37
N GLU A 55 5.78 2.35 -4.48
CA GLU A 55 6.01 2.23 -3.04
C GLU A 55 4.87 2.98 -2.35
N ASP A 56 3.93 2.22 -1.79
CA ASP A 56 2.81 2.84 -1.07
C ASP A 56 3.34 3.50 0.20
N ARG A 57 3.18 4.82 0.29
CA ARG A 57 3.59 5.57 1.47
C ARG A 57 2.63 5.39 2.64
N LYS A 58 1.62 4.54 2.49
CA LYS A 58 0.64 4.20 3.52
C LYS A 58 0.09 5.45 4.20
N ASP A 59 -0.18 6.49 3.40
CA ASP A 59 -0.80 7.70 3.90
C ASP A 59 -1.89 8.19 2.95
N GLY A 60 -2.41 7.32 2.09
CA GLY A 60 -3.31 7.73 1.03
C GLY A 60 -2.62 7.99 -0.29
N SER A 61 -1.28 7.90 -0.30
CA SER A 61 -0.49 8.20 -1.53
C SER A 61 0.48 7.07 -1.85
N CYS A 62 1.05 7.09 -3.07
CA CYS A 62 1.99 6.03 -3.51
C CYS A 62 3.07 6.65 -4.41
N GLY A 63 4.34 6.57 -3.99
CA GLY A 63 5.45 7.17 -4.76
C GLY A 63 5.88 6.29 -5.91
N VAL A 64 6.11 6.87 -7.10
CA VAL A 64 6.44 6.05 -8.29
C VAL A 64 7.73 6.58 -8.94
N ALA A 65 8.76 5.74 -9.05
CA ALA A 65 10.01 6.14 -9.72
C ALA A 65 10.19 5.32 -11.01
N TYR A 66 10.39 6.01 -12.15
CA TYR A 66 10.56 5.31 -13.45
C TYR A 66 11.82 5.82 -14.15
N VAL A 67 12.44 4.98 -15.00
CA VAL A 67 13.64 5.38 -15.73
C VAL A 67 13.53 4.88 -17.16
N VAL A 68 13.67 5.80 -18.11
CA VAL A 68 13.78 5.47 -19.52
C VAL A 68 15.17 5.87 -19.98
N GLN A 69 15.68 5.15 -20.99
CA GLN A 69 17.06 5.34 -21.43
C GLN A 69 17.20 6.24 -22.64
N GLU A 70 16.16 6.35 -23.47
CA GLU A 70 16.29 7.15 -24.68
C GLU A 70 15.58 8.48 -24.52
N PRO A 71 16.24 9.60 -24.79
CA PRO A 71 15.56 10.90 -24.75
C PRO A 71 14.50 11.00 -25.84
N GLY A 72 13.41 11.68 -25.51
CA GLY A 72 12.33 11.85 -26.45
C GLY A 72 11.04 12.20 -25.72
N ASP A 73 9.95 12.15 -26.46
CA ASP A 73 8.63 12.45 -25.92
C ASP A 73 7.96 11.17 -25.43
N TYR A 74 7.68 11.09 -24.14
CA TYR A 74 6.98 9.98 -23.54
C TYR A 74 5.61 10.42 -23.03
N GLU A 75 4.72 9.45 -22.89
CA GLU A 75 3.41 9.66 -22.27
C GLU A 75 3.30 8.75 -21.07
N VAL A 76 3.10 9.34 -19.90
CA VAL A 76 2.91 8.59 -18.67
C VAL A 76 1.42 8.48 -18.42
N SER A 77 0.90 7.25 -18.46
CA SER A 77 -0.49 6.98 -18.17
C SER A 77 -0.63 6.42 -16.75
N VAL A 78 -1.58 6.97 -16.00
CA VAL A 78 -1.88 6.52 -14.64
C VAL A 78 -3.37 6.18 -14.63
N LYS A 79 -3.67 4.89 -14.52
CA LYS A 79 -5.04 4.40 -14.58
C LYS A 79 -5.45 3.79 -13.25
N PHE A 80 -6.64 4.15 -12.78
CA PHE A 80 -7.22 3.57 -11.57
C PHE A 80 -8.43 2.75 -12.00
N ASN A 81 -8.41 1.46 -11.70
CA ASN A 81 -9.46 0.53 -12.09
C ASN A 81 -9.70 0.59 -13.60
N GLU A 82 -8.59 0.59 -14.34
CA GLU A 82 -8.57 0.54 -15.80
C GLU A 82 -9.20 1.77 -16.44
N GLU A 83 -9.32 2.87 -15.70
CA GLU A 83 -9.75 4.15 -16.23
C GLU A 83 -8.70 5.21 -15.94
N HIS A 84 -8.48 6.11 -16.89
CA HIS A 84 -7.53 7.20 -16.70
C HIS A 84 -7.96 8.09 -15.55
N ILE A 85 -6.99 8.53 -14.75
CA ILE A 85 -7.23 9.52 -13.72
C ILE A 85 -7.31 10.88 -14.40
N PRO A 86 -7.81 11.94 -13.74
CA PRO A 86 -7.81 13.26 -14.36
C PRO A 86 -6.41 13.67 -14.82
N ASP A 87 -6.36 14.21 -16.04
CA ASP A 87 -5.16 14.69 -16.74
C ASP A 87 -4.26 13.56 -17.21
N SER A 88 -4.67 12.30 -17.07
CA SER A 88 -3.88 11.24 -17.69
C SER A 88 -4.35 11.02 -19.12
N PRO A 89 -3.44 10.74 -20.07
CA PRO A 89 -1.99 10.59 -19.87
C PRO A 89 -1.24 11.91 -19.79
N PHE A 90 -0.02 11.87 -19.28
CA PHE A 90 0.81 13.04 -19.11
C PHE A 90 1.93 13.03 -20.16
N VAL A 91 2.06 14.13 -20.89
CA VAL A 91 3.14 14.28 -21.85
C VAL A 91 4.39 14.71 -21.12
N VAL A 92 5.49 13.98 -21.32
CA VAL A 92 6.72 14.20 -20.56
C VAL A 92 7.92 14.21 -21.49
N PRO A 93 8.54 15.36 -21.73
CA PRO A 93 9.78 15.40 -22.52
C PRO A 93 10.95 14.89 -21.67
N VAL A 94 11.65 13.88 -22.17
CA VAL A 94 12.82 13.31 -21.53
C VAL A 94 14.04 13.72 -22.33
N ALA A 95 14.99 14.40 -21.68
CA ALA A 95 16.20 14.87 -22.33
C ALA A 95 17.42 14.19 -21.73
N SER A 96 18.58 14.50 -22.32
CA SER A 96 19.84 14.01 -21.80
C SER A 96 20.29 14.88 -20.64
N PRO A 97 21.17 14.35 -19.76
CA PRO A 97 21.79 15.13 -18.68
C PRO A 97 22.37 16.45 -19.15
N GLY B 5 -7.57 32.03 -0.64
CA GLY B 5 -7.08 30.74 -1.10
C GLY B 5 -8.08 29.62 -0.92
N GLY B 6 -8.01 28.62 -1.80
CA GLY B 6 -8.97 27.53 -1.79
C GLY B 6 -8.61 26.39 -0.86
N ALA B 7 -9.01 26.51 0.41
CA ALA B 7 -8.76 25.43 1.36
C ALA B 7 -9.65 24.23 1.09
N HIS B 8 -10.81 24.43 0.46
CA HIS B 8 -11.72 23.32 0.19
C HIS B 8 -11.12 22.29 -0.75
N LYS B 9 -10.15 22.68 -1.57
CA LYS B 9 -9.50 21.77 -2.52
C LYS B 9 -8.26 21.10 -1.92
N VAL B 10 -7.98 21.33 -0.64
CA VAL B 10 -6.87 20.68 0.05
C VAL B 10 -7.39 19.41 0.72
N ARG B 11 -6.53 18.40 0.79
CA ARG B 11 -6.88 17.13 1.41
C ARG B 11 -5.66 16.57 2.14
N ALA B 12 -5.92 15.65 3.07
CA ALA B 12 -4.87 15.15 3.93
C ALA B 12 -5.16 13.69 4.30
N GLY B 13 -4.11 12.98 4.68
CA GLY B 13 -4.24 11.58 5.06
C GLY B 13 -3.00 11.07 5.76
N GLY B 14 -3.18 9.97 6.47
CA GLY B 14 -2.10 9.34 7.20
C GLY B 14 -2.53 8.85 8.57
N PRO B 15 -1.78 7.91 9.14
CA PRO B 15 -2.13 7.42 10.49
C PRO B 15 -2.08 8.49 11.55
N GLY B 16 -1.27 9.54 11.36
CA GLY B 16 -1.18 10.63 12.31
C GLY B 16 -2.47 11.40 12.47
N LEU B 17 -3.40 11.27 11.53
CA LEU B 17 -4.73 11.86 11.64
C LEU B 17 -5.76 10.86 12.14
N GLU B 18 -5.32 9.71 12.63
CA GLU B 18 -6.20 8.70 13.23
C GLU B 18 -5.84 8.40 14.67
N ARG B 19 -4.57 8.13 14.95
CA ARG B 19 -4.10 7.93 16.31
C ARG B 19 -2.62 8.26 16.38
N ALA B 20 -2.09 8.23 17.59
CA ALA B 20 -0.66 8.48 17.82
C ALA B 20 -0.29 7.85 19.15
N GLU B 21 1.02 7.79 19.40
CA GLU B 21 1.56 7.34 20.66
C GLU B 21 2.41 8.46 21.25
N ALA B 22 2.31 8.65 22.57
CA ALA B 22 3.07 9.71 23.22
C ALA B 22 4.56 9.50 23.01
N GLY B 23 5.27 10.61 22.79
CA GLY B 23 6.70 10.56 22.56
C GLY B 23 7.12 9.92 21.25
N VAL B 24 6.19 9.54 20.40
CA VAL B 24 6.47 8.89 19.13
C VAL B 24 6.02 9.80 18.01
N PRO B 25 6.86 10.09 17.02
CA PRO B 25 6.42 10.94 15.90
C PRO B 25 5.22 10.34 15.19
N ALA B 26 4.19 11.17 15.00
CA ALA B 26 2.99 10.81 14.27
C ALA B 26 3.00 11.50 12.92
N GLU B 27 2.78 10.75 11.85
CA GLU B 27 3.03 11.22 10.51
C GLU B 27 1.77 11.18 9.66
N PHE B 28 1.58 12.23 8.86
CA PHE B 28 0.52 12.27 7.86
C PHE B 28 0.98 13.18 6.72
N SER B 29 0.17 13.28 5.68
CA SER B 29 0.50 14.07 4.51
C SER B 29 -0.63 15.03 4.20
N ILE B 30 -0.27 16.14 3.55
CA ILE B 30 -1.23 17.15 3.12
C ILE B 30 -1.05 17.35 1.61
N TRP B 31 -2.14 17.18 0.87
CA TRP B 31 -2.13 17.28 -0.59
C TRP B 31 -2.69 18.65 -0.98
N THR B 32 -1.81 19.53 -1.46
CA THR B 32 -2.19 20.89 -1.84
C THR B 32 -2.06 21.14 -3.34
N ARG B 33 -1.84 20.10 -4.14
CA ARG B 33 -1.61 20.27 -5.58
C ARG B 33 -2.72 21.11 -6.22
N GLU B 34 -3.97 20.75 -5.99
CA GLU B 34 -5.09 21.40 -6.66
C GLU B 34 -5.44 22.75 -6.07
N ALA B 35 -4.97 23.05 -4.85
CA ALA B 35 -5.39 24.25 -4.14
C ALA B 35 -4.63 25.50 -4.57
N GLY B 36 -3.51 25.36 -5.27
CA GLY B 36 -2.78 26.53 -5.72
C GLY B 36 -1.83 27.07 -4.67
N ALA B 37 -1.64 28.38 -4.71
CA ALA B 37 -0.67 29.06 -3.84
C ALA B 37 -1.32 29.50 -2.55
N GLY B 38 -0.57 29.41 -1.46
CA GLY B 38 -1.07 29.81 -0.16
C GLY B 38 -0.20 29.26 0.94
N GLY B 39 -0.56 29.63 2.18
CA GLY B 39 0.20 29.25 3.35
C GLY B 39 -0.48 28.11 4.10
N LEU B 40 0.33 27.12 4.46
CA LEU B 40 -0.13 26.02 5.31
C LEU B 40 0.18 26.35 6.77
N ALA B 41 -0.78 26.03 7.64
CA ALA B 41 -0.61 26.24 9.08
C ALA B 41 -1.14 25.01 9.81
N ILE B 42 -0.30 24.42 10.66
CA ILE B 42 -0.62 23.19 11.36
C ILE B 42 -0.52 23.44 12.86
N ALA B 43 -1.55 23.06 13.60
CA ALA B 43 -1.56 23.19 15.04
C ALA B 43 -2.10 21.91 15.66
N VAL B 44 -1.41 21.41 16.69
CA VAL B 44 -1.81 20.22 17.42
C VAL B 44 -2.06 20.63 18.86
N GLU B 45 -3.34 20.71 19.23
CA GLU B 45 -3.74 21.22 20.54
C GLU B 45 -4.31 20.09 21.38
N GLY B 46 -3.91 20.06 22.65
CA GLY B 46 -4.31 19.03 23.57
C GLY B 46 -3.64 19.23 24.91
N PRO B 47 -3.61 18.16 25.71
CA PRO B 47 -3.03 18.23 27.07
C PRO B 47 -1.51 18.29 27.14
N SER B 48 -0.81 18.53 26.04
CA SER B 48 0.64 18.73 26.11
C SER B 48 1.08 19.50 24.87
N LYS B 49 2.34 19.92 24.90
CA LYS B 49 2.93 20.68 23.81
C LYS B 49 3.38 19.78 22.67
N ALA B 50 3.08 20.21 21.45
CA ALA B 50 3.44 19.44 20.26
C ALA B 50 4.63 20.08 19.56
N GLU B 51 5.51 19.24 19.03
CA GLU B 51 6.59 19.66 18.14
C GLU B 51 6.24 19.18 16.74
N ILE B 52 6.03 20.13 15.82
CA ILE B 52 5.48 19.84 14.51
C ILE B 52 6.54 20.13 13.46
N SER B 53 6.88 19.12 12.66
CA SER B 53 7.83 19.26 11.57
C SER B 53 7.13 18.95 10.25
N PHE B 54 7.42 19.75 9.22
CA PHE B 54 6.82 19.60 7.91
C PHE B 54 7.88 19.43 6.85
N GLU B 55 7.44 19.03 5.66
CA GLU B 55 8.37 18.67 4.58
C GLU B 55 7.61 18.77 3.26
N ASP B 56 7.93 19.77 2.45
CA ASP B 56 7.37 19.87 1.11
C ASP B 56 8.11 18.92 0.19
N ARG B 57 7.38 18.00 -0.42
CA ARG B 57 7.98 16.99 -1.28
C ARG B 57 8.01 17.41 -2.75
N LYS B 58 7.53 18.61 -3.06
CA LYS B 58 7.52 19.17 -4.41
C LYS B 58 6.76 18.31 -5.41
N ASP B 59 5.94 17.38 -4.92
CA ASP B 59 5.06 16.57 -5.76
C ASP B 59 3.60 16.94 -5.56
N GLY B 60 3.34 18.19 -5.16
CA GLY B 60 2.02 18.61 -4.76
C GLY B 60 1.62 18.21 -3.36
N SER B 61 2.51 17.58 -2.61
CA SER B 61 2.21 17.11 -1.26
C SER B 61 3.24 17.66 -0.28
N CYS B 62 2.84 17.68 0.98
CA CYS B 62 3.70 18.15 2.07
C CYS B 62 3.62 17.13 3.20
N GLY B 63 4.77 16.56 3.56
CA GLY B 63 4.81 15.60 4.66
C GLY B 63 4.90 16.31 6.01
N VAL B 64 4.25 15.72 7.01
CA VAL B 64 4.13 16.32 8.33
C VAL B 64 4.39 15.26 9.39
N ALA B 65 5.07 15.65 10.47
CA ALA B 65 5.32 14.77 11.60
C ALA B 65 5.25 15.58 12.88
N TYR B 66 4.51 15.08 13.87
CA TYR B 66 4.38 15.74 15.16
C TYR B 66 4.59 14.75 16.29
N VAL B 67 4.88 15.29 17.47
CA VAL B 67 5.10 14.48 18.67
C VAL B 67 4.50 15.21 19.86
N VAL B 68 3.87 14.46 20.77
CA VAL B 68 3.38 14.99 22.03
C VAL B 68 3.81 14.03 23.14
N GLN B 69 4.00 14.57 24.34
CA GLN B 69 4.51 13.78 25.46
C GLN B 69 3.43 13.20 26.35
N GLU B 70 2.25 13.82 26.40
CA GLU B 70 1.20 13.38 27.30
C GLU B 70 0.10 12.70 26.53
N PRO B 71 -0.29 11.47 26.92
CA PRO B 71 -1.42 10.81 26.27
C PRO B 71 -2.71 11.56 26.52
N GLY B 72 -3.65 11.39 25.61
CA GLY B 72 -4.93 12.06 25.70
C GLY B 72 -5.45 12.37 24.31
N ASP B 73 -6.60 13.03 24.27
CA ASP B 73 -7.22 13.40 23.01
C ASP B 73 -6.66 14.71 22.52
N TYR B 74 -6.30 14.78 21.25
CA TYR B 74 -5.72 15.95 20.62
C TYR B 74 -6.53 16.31 19.39
N GLU B 75 -6.42 17.58 18.98
CA GLU B 75 -7.04 18.09 17.78
C GLU B 75 -5.95 18.59 16.84
N VAL B 76 -5.82 17.94 15.69
CA VAL B 76 -4.84 18.32 14.67
C VAL B 76 -5.55 19.20 13.67
N SER B 77 -5.23 20.49 13.67
CA SER B 77 -5.82 21.45 12.76
C SER B 77 -4.88 21.70 11.59
N VAL B 78 -5.44 21.68 10.38
CA VAL B 78 -4.68 21.97 9.16
C VAL B 78 -5.43 23.08 8.43
N LYS B 79 -4.85 24.27 8.42
CA LYS B 79 -5.44 25.42 7.76
C LYS B 79 -4.64 25.76 6.51
N PHE B 80 -5.35 26.09 5.43
CA PHE B 80 -4.74 26.53 4.18
C PHE B 80 -5.26 27.92 3.85
N ASN B 81 -4.36 28.88 3.75
CA ASN B 81 -4.72 30.30 3.63
C ASN B 81 -5.73 30.70 4.71
N GLU B 82 -5.46 30.22 5.93
CA GLU B 82 -6.15 30.55 7.18
C GLU B 82 -7.53 29.93 7.30
N GLU B 83 -7.95 29.06 6.39
CA GLU B 83 -9.20 28.32 6.51
C GLU B 83 -8.93 26.85 6.77
N HIS B 84 -9.76 26.25 7.63
CA HIS B 84 -9.68 24.82 7.86
C HIS B 84 -9.94 24.05 6.58
N ILE B 85 -9.06 23.10 6.26
CA ILE B 85 -9.25 22.22 5.11
C ILE B 85 -10.35 21.23 5.47
N PRO B 86 -10.92 20.51 4.51
CA PRO B 86 -11.99 19.54 4.85
C PRO B 86 -11.56 18.58 5.95
N ASP B 87 -12.48 18.34 6.88
CA ASP B 87 -12.36 17.48 8.05
C ASP B 87 -11.41 18.05 9.11
N SER B 88 -10.90 19.26 8.93
CA SER B 88 -10.07 19.85 9.98
C SER B 88 -10.94 20.69 10.92
N PRO B 89 -10.71 20.63 12.24
CA PRO B 89 -9.64 19.86 12.90
C PRO B 89 -9.94 18.36 13.02
N PHE B 90 -8.89 17.56 13.06
CA PHE B 90 -8.99 16.11 13.23
C PHE B 90 -8.79 15.77 14.70
N VAL B 91 -9.65 14.92 15.24
CA VAL B 91 -9.53 14.46 16.62
C VAL B 91 -8.69 13.20 16.62
N VAL B 92 -7.59 13.22 17.38
CA VAL B 92 -6.64 12.11 17.39
C VAL B 92 -6.42 11.63 18.83
N PRO B 93 -6.80 10.40 19.17
CA PRO B 93 -6.43 9.84 20.47
C PRO B 93 -4.97 9.41 20.48
N VAL B 94 -4.26 9.80 21.52
CA VAL B 94 -2.84 9.50 21.66
C VAL B 94 -2.66 8.63 22.89
N ALA B 95 -2.14 7.42 22.69
CA ALA B 95 -2.00 6.44 23.74
C ALA B 95 -0.55 6.34 24.20
N SER B 96 -0.27 5.35 25.03
CA SER B 96 1.06 5.05 25.57
C SER B 96 1.70 3.91 24.78
N PRO B 97 3.03 3.77 24.86
CA PRO B 97 3.70 2.64 24.19
C PRO B 97 3.27 1.28 24.75
N MET C 2 14.33 4.81 -4.26
CA MET C 2 13.34 3.95 -3.56
C MET C 2 14.04 3.32 -2.36
N GLY C 3 15.18 2.70 -2.60
CA GLY C 3 15.95 2.17 -1.48
C GLY C 3 16.84 1.03 -1.86
N SER C 4 17.48 0.43 -0.85
CA SER C 4 18.35 -0.74 -1.06
C SER C 4 17.87 -1.72 0.00
N GLY C 5 17.48 -2.92 -0.40
CA GLY C 5 16.83 -3.78 0.59
C GLY C 5 16.85 -5.23 0.24
N GLY C 6 16.12 -6.01 1.03
CA GLY C 6 16.21 -7.45 0.85
C GLY C 6 15.12 -8.01 -0.02
N ALA C 7 15.34 -8.00 -1.32
CA ALA C 7 14.35 -8.73 -2.10
C ALA C 7 14.30 -10.20 -1.73
N HIS C 8 15.35 -10.74 -1.10
CA HIS C 8 15.39 -12.14 -0.72
C HIS C 8 14.33 -12.48 0.32
N LYS C 9 13.85 -11.50 1.07
CA LYS C 9 12.79 -11.72 2.05
C LYS C 9 11.40 -11.62 1.44
N VAL C 10 11.31 -11.27 0.16
CA VAL C 10 9.98 -11.07 -0.47
C VAL C 10 9.49 -12.42 -0.98
N ARG C 11 8.21 -12.71 -0.76
CA ARG C 11 7.61 -13.94 -1.27
C ARG C 11 6.50 -13.56 -2.24
N ALA C 12 6.14 -14.45 -3.15
CA ALA C 12 5.03 -14.18 -4.08
C ALA C 12 4.24 -15.46 -4.33
N GLY C 13 2.95 -15.34 -4.64
CA GLY C 13 2.15 -16.52 -4.95
C GLY C 13 0.84 -16.21 -5.64
N GLY C 14 0.29 -17.18 -6.37
CA GLY C 14 -0.95 -17.00 -7.07
C GLY C 14 -0.97 -17.71 -8.40
N PRO C 15 -2.16 -17.95 -8.96
CA PRO C 15 -2.23 -18.65 -10.25
C PRO C 15 -1.63 -17.84 -11.40
N GLY C 16 -1.61 -16.52 -11.29
CA GLY C 16 -1.03 -15.69 -12.33
C GLY C 16 0.47 -15.88 -12.49
N LEU C 17 1.13 -16.47 -11.50
CA LEU C 17 2.52 -16.86 -11.60
C LEU C 17 2.69 -18.31 -12.05
N GLU C 18 1.60 -19.00 -12.33
CA GLU C 18 1.61 -20.38 -12.79
C GLU C 18 1.12 -20.53 -14.21
N ARG C 19 -0.01 -19.91 -14.55
CA ARG C 19 -0.52 -19.89 -15.92
C ARG C 19 -1.44 -18.69 -16.07
N ALA C 20 -1.68 -18.31 -17.32
CA ALA C 20 -2.58 -17.21 -17.63
C ALA C 20 -3.31 -17.51 -18.92
N GLU C 21 -4.38 -16.77 -19.16
CA GLU C 21 -5.14 -16.85 -20.40
C GLU C 21 -5.06 -15.50 -21.10
N ALA C 22 -4.85 -15.54 -22.42
CA ALA C 22 -4.80 -14.31 -23.20
C ALA C 22 -6.11 -13.56 -23.09
N GLY C 23 -6.03 -12.27 -22.77
CA GLY C 23 -7.21 -11.45 -22.60
C GLY C 23 -7.91 -11.58 -21.27
N VAL C 24 -7.47 -12.48 -20.41
CA VAL C 24 -8.09 -12.73 -19.11
C VAL C 24 -7.16 -12.20 -18.03
N PRO C 25 -7.67 -11.45 -17.05
CA PRO C 25 -6.81 -10.99 -15.96
C PRO C 25 -6.23 -12.16 -15.18
N ALA C 26 -4.90 -12.16 -15.05
CA ALA C 26 -4.18 -13.14 -14.24
C ALA C 26 -3.72 -12.46 -12.96
N GLU C 27 -3.91 -13.13 -11.83
CA GLU C 27 -3.72 -12.51 -10.53
C GLU C 27 -2.72 -13.30 -9.69
N PHE C 28 -1.90 -12.56 -8.95
CA PHE C 28 -1.05 -13.14 -7.91
C PHE C 28 -0.82 -12.09 -6.83
N SER C 29 -0.17 -12.50 -5.75
CA SER C 29 0.11 -11.62 -4.63
C SER C 29 1.61 -11.59 -4.35
N ILE C 30 2.05 -10.50 -3.73
CA ILE C 30 3.44 -10.30 -3.36
C ILE C 30 3.50 -10.02 -1.88
N TRP C 31 4.26 -10.82 -1.13
CA TRP C 31 4.40 -10.68 0.31
C TRP C 31 5.70 -9.93 0.60
N THR C 32 5.59 -8.68 1.08
CA THR C 32 6.76 -7.81 1.32
C THR C 32 6.87 -7.44 2.81
N ARG C 33 6.13 -8.12 3.67
CA ARG C 33 6.09 -7.74 5.11
C ARG C 33 7.48 -7.81 5.75
N GLU C 34 8.25 -8.87 5.49
CA GLU C 34 9.53 -9.02 6.15
C GLU C 34 10.65 -8.23 5.48
N ALA C 35 10.43 -7.77 4.24
CA ALA C 35 11.47 -7.06 3.51
C ALA C 35 11.58 -5.60 3.92
N GLY C 36 10.54 -5.03 4.52
CA GLY C 36 10.61 -3.65 4.97
C GLY C 36 10.36 -2.64 3.88
N ALA C 37 11.04 -1.49 3.97
CA ALA C 37 10.83 -0.39 3.04
C ALA C 37 11.55 -0.63 1.73
N GLY C 38 10.91 -0.26 0.63
CA GLY C 38 11.50 -0.42 -0.68
C GLY C 38 10.46 -0.33 -1.77
N GLY C 39 10.95 -0.33 -3.00
CA GLY C 39 10.10 -0.17 -4.17
C GLY C 39 9.86 -1.49 -4.87
N LEU C 40 8.64 -1.66 -5.38
CA LEU C 40 8.24 -2.86 -6.10
C LEU C 40 8.18 -2.58 -7.59
N ALA C 41 8.82 -3.44 -8.38
CA ALA C 41 8.77 -3.36 -9.83
C ALA C 41 8.19 -4.65 -10.38
N ILE C 42 7.18 -4.53 -11.23
CA ILE C 42 6.53 -5.68 -11.86
C ILE C 42 6.53 -5.45 -13.37
N ALA C 43 7.14 -6.38 -14.11
CA ALA C 43 7.17 -6.34 -15.56
C ALA C 43 6.76 -7.71 -16.11
N VAL C 44 6.19 -7.70 -17.30
CA VAL C 44 5.73 -8.92 -17.98
C VAL C 44 6.18 -8.83 -19.43
N GLU C 45 7.21 -9.59 -19.78
CA GLU C 45 7.82 -9.52 -21.10
C GLU C 45 7.43 -10.74 -21.92
N GLY C 46 7.02 -10.52 -23.16
CA GLY C 46 6.61 -11.59 -24.03
C GLY C 46 6.10 -11.10 -25.38
N PRO C 47 5.34 -11.95 -26.07
CA PRO C 47 4.89 -11.62 -27.42
C PRO C 47 3.75 -10.61 -27.49
N SER C 48 3.57 -9.80 -26.45
CA SER C 48 2.60 -8.71 -26.48
C SER C 48 2.78 -7.85 -25.24
N LYS C 49 2.45 -6.57 -25.37
CA LYS C 49 2.54 -5.65 -24.25
C LYS C 49 1.52 -6.01 -23.19
N ALA C 50 1.95 -6.01 -21.93
CA ALA C 50 1.08 -6.33 -20.81
C ALA C 50 0.59 -5.06 -20.14
N GLU C 51 -0.62 -5.14 -19.58
CA GLU C 51 -1.19 -4.08 -18.76
C GLU C 51 -1.24 -4.59 -17.33
N ILE C 52 -0.53 -3.91 -16.44
CA ILE C 52 -0.23 -4.42 -15.09
C ILE C 52 -0.77 -3.46 -14.06
N SER C 53 -1.70 -3.92 -13.24
CA SER C 53 -2.29 -3.14 -12.16
C SER C 53 -1.98 -3.80 -10.83
N PHE C 54 -1.84 -2.98 -9.78
CA PHE C 54 -1.47 -3.46 -8.46
C PHE C 54 -2.38 -2.85 -7.40
N GLU C 55 -2.28 -3.41 -6.19
CA GLU C 55 -3.22 -3.10 -5.11
C GLU C 55 -2.53 -3.42 -3.79
N ASP C 56 -2.03 -2.37 -3.12
CA ASP C 56 -1.46 -2.57 -1.79
C ASP C 56 -2.58 -2.79 -0.79
N ARG C 57 -2.52 -3.92 -0.09
CA ARG C 57 -3.61 -4.35 0.78
C ARG C 57 -3.36 -3.97 2.24
N LYS C 58 -2.31 -3.21 2.53
CA LYS C 58 -1.98 -2.71 3.86
C LYS C 58 -1.76 -3.82 4.89
N ASP C 59 -1.64 -5.07 4.43
CA ASP C 59 -1.40 -6.21 5.31
C ASP C 59 -0.02 -6.81 5.10
N GLY C 60 0.91 -6.04 4.53
CA GLY C 60 2.18 -6.57 4.12
C GLY C 60 2.16 -7.30 2.79
N SER C 61 1.03 -7.32 2.10
CA SER C 61 0.88 -7.99 0.82
C SER C 61 0.34 -7.03 -0.22
N CYS C 62 0.66 -7.30 -1.48
CA CYS C 62 0.26 -6.46 -2.61
C CYS C 62 -0.35 -7.33 -3.68
N GLY C 63 -1.57 -7.00 -4.10
CA GLY C 63 -2.23 -7.74 -5.16
C GLY C 63 -1.81 -7.23 -6.53
N VAL C 64 -1.63 -8.17 -7.45
CA VAL C 64 -1.20 -7.87 -8.81
C VAL C 64 -2.15 -8.55 -9.79
N ALA C 65 -2.51 -7.82 -10.84
CA ALA C 65 -3.36 -8.36 -11.91
C ALA C 65 -2.86 -7.80 -13.23
N TYR C 66 -2.56 -8.71 -14.17
CA TYR C 66 -2.05 -8.33 -15.47
C TYR C 66 -2.82 -9.07 -16.55
N VAL C 67 -2.75 -8.54 -17.77
CA VAL C 67 -3.40 -9.15 -18.92
C VAL C 67 -2.52 -8.96 -20.15
N VAL C 68 -2.32 -10.02 -20.91
CA VAL C 68 -1.63 -9.96 -22.20
C VAL C 68 -2.61 -10.42 -23.27
N GLN C 69 -2.46 -9.87 -24.47
CA GLN C 69 -3.41 -10.12 -25.54
C GLN C 69 -3.05 -11.33 -26.39
N GLU C 70 -1.79 -11.72 -26.44
CA GLU C 70 -1.35 -12.80 -27.30
C GLU C 70 -0.92 -14.02 -26.49
N PRO C 71 -1.27 -15.23 -26.94
CA PRO C 71 -0.81 -16.42 -26.24
C PRO C 71 0.66 -16.67 -26.47
N GLY C 72 1.31 -17.29 -25.49
CA GLY C 72 2.71 -17.62 -25.61
C GLY C 72 3.36 -17.73 -24.24
N ASP C 73 4.69 -17.81 -24.27
CA ASP C 73 5.48 -17.89 -23.05
C ASP C 73 5.89 -16.48 -22.61
N TYR C 74 5.72 -16.19 -21.33
CA TYR C 74 6.00 -14.87 -20.77
C TYR C 74 6.87 -15.01 -19.53
N GLU C 75 7.64 -13.96 -19.26
CA GLU C 75 8.40 -13.84 -18.03
C GLU C 75 7.75 -12.75 -17.17
N VAL C 76 7.34 -13.13 -15.97
CA VAL C 76 6.83 -12.19 -14.99
C VAL C 76 7.93 -11.93 -13.98
N SER C 77 8.54 -10.75 -14.05
CA SER C 77 9.62 -10.38 -13.14
C SER C 77 9.08 -9.50 -12.03
N VAL C 78 9.46 -9.82 -10.79
CA VAL C 78 9.07 -9.04 -9.63
C VAL C 78 10.36 -8.63 -8.92
N LYS C 79 10.67 -7.32 -8.99
CA LYS C 79 11.87 -6.78 -8.39
C LYS C 79 11.51 -5.94 -7.17
N PHE C 80 12.19 -6.18 -6.06
CA PHE C 80 12.05 -5.36 -4.86
C PHE C 80 13.38 -4.64 -4.63
N ASN C 81 13.31 -3.31 -4.55
CA ASN C 81 14.50 -2.46 -4.48
C ASN C 81 15.51 -2.84 -5.56
N GLU C 82 14.99 -2.98 -6.78
CA GLU C 82 15.73 -3.23 -8.02
C GLU C 82 16.38 -4.60 -8.06
N GLU C 83 16.03 -5.50 -7.14
CA GLU C 83 16.57 -6.87 -7.13
C GLU C 83 15.43 -7.86 -7.31
N HIS C 84 15.69 -8.90 -8.11
CA HIS C 84 14.72 -9.98 -8.28
C HIS C 84 14.43 -10.64 -6.94
N ILE C 85 13.16 -11.00 -6.74
CA ILE C 85 12.77 -11.75 -5.55
C ILE C 85 13.00 -13.22 -5.85
N PRO C 86 12.98 -14.11 -4.85
CA PRO C 86 13.19 -15.54 -5.13
C PRO C 86 12.25 -16.07 -6.20
N ASP C 87 12.82 -16.86 -7.11
CA ASP C 87 12.16 -17.47 -8.26
C ASP C 87 11.78 -16.45 -9.34
N SER C 88 12.01 -15.16 -9.10
CA SER C 88 11.79 -14.20 -10.18
C SER C 88 13.01 -14.17 -11.10
N PRO C 89 12.81 -14.11 -12.42
CA PRO C 89 11.50 -13.98 -13.08
C PRO C 89 10.73 -15.28 -13.17
N PHE C 90 9.41 -15.19 -13.16
CA PHE C 90 8.53 -16.35 -13.26
C PHE C 90 8.14 -16.55 -14.71
N VAL C 91 8.32 -17.78 -15.20
CA VAL C 91 7.92 -18.14 -16.56
C VAL C 91 6.49 -18.65 -16.52
N VAL C 92 5.61 -18.01 -17.29
CA VAL C 92 4.18 -18.29 -17.25
C VAL C 92 3.65 -18.60 -18.64
N PRO C 93 3.21 -19.83 -18.90
CA PRO C 93 2.60 -20.13 -20.21
C PRO C 93 1.20 -19.55 -20.29
N VAL C 94 0.97 -18.71 -21.30
CA VAL C 94 -0.31 -18.07 -21.54
C VAL C 94 -0.97 -18.75 -22.74
N ALA C 95 -2.19 -19.23 -22.55
CA ALA C 95 -2.88 -20.02 -23.56
C ALA C 95 -3.96 -19.20 -24.25
N SER C 96 -4.62 -19.83 -25.24
CA SER C 96 -5.72 -19.33 -26.04
C SER C 96 -7.06 -19.65 -25.36
N PRO C 97 -8.07 -18.79 -25.55
CA PRO C 97 -9.42 -18.95 -24.99
C PRO C 97 -9.99 -20.36 -25.14
N ALA D 1 -2.91 -33.55 14.23
CA ALA D 1 -3.92 -33.72 13.19
C ALA D 1 -3.64 -32.80 12.01
N MET D 2 -4.22 -33.16 10.86
CA MET D 2 -4.16 -32.34 9.65
C MET D 2 -2.75 -32.12 9.12
N GLY D 3 -1.73 -32.60 9.85
CA GLY D 3 -0.35 -32.40 9.46
C GLY D 3 0.57 -32.11 10.63
N SER D 4 1.86 -32.17 10.37
CA SER D 4 2.84 -31.86 11.44
C SER D 4 3.89 -30.88 10.94
N GLY D 5 4.01 -29.74 11.62
CA GLY D 5 5.07 -28.78 11.30
C GLY D 5 4.71 -27.70 10.31
N GLY D 6 5.64 -26.76 10.08
CA GLY D 6 5.46 -25.70 9.09
C GLY D 6 5.15 -24.37 9.73
N ALA D 7 4.73 -24.38 10.99
CA ALA D 7 4.26 -23.14 11.63
C ALA D 7 5.35 -22.07 11.55
N HIS D 8 6.62 -22.46 11.57
CA HIS D 8 7.67 -21.45 11.52
C HIS D 8 7.80 -20.81 10.15
N LYS D 9 7.23 -21.41 9.12
CA LYS D 9 7.22 -20.83 7.77
C LYS D 9 6.01 -19.95 7.51
N VAL D 10 5.09 -19.87 8.47
CA VAL D 10 3.85 -19.08 8.27
C VAL D 10 4.09 -17.62 8.69
N ARG D 11 3.56 -16.68 7.92
CA ARG D 11 3.72 -15.23 8.23
C ARG D 11 2.34 -14.61 8.38
N ALA D 12 2.29 -13.43 8.97
CA ALA D 12 1.02 -12.75 9.16
C ALA D 12 1.21 -11.24 9.24
N GLY D 13 0.17 -10.47 8.95
CA GLY D 13 0.24 -9.03 9.04
C GLY D 13 -1.12 -8.41 8.81
N GLY D 14 -1.22 -7.13 9.17
CA GLY D 14 -2.45 -6.40 9.04
C GLY D 14 -2.79 -5.62 10.29
N PRO D 15 -3.76 -4.70 10.19
CA PRO D 15 -4.10 -3.87 11.36
C PRO D 15 -4.70 -4.66 12.50
N GLY D 16 -5.41 -5.75 12.22
CA GLY D 16 -6.04 -6.56 13.25
C GLY D 16 -5.08 -7.24 14.20
N LEU D 17 -3.80 -7.31 13.84
CA LEU D 17 -2.76 -7.83 14.72
C LEU D 17 -1.99 -6.71 15.43
N GLU D 18 -2.47 -5.48 15.33
CA GLU D 18 -1.86 -4.31 15.95
C GLU D 18 -2.84 -3.51 16.78
N ARG D 19 -4.08 -3.35 16.31
CA ARG D 19 -5.09 -2.61 17.06
C ARG D 19 -6.47 -3.02 16.53
N ALA D 20 -7.49 -2.71 17.32
CA ALA D 20 -8.86 -2.92 16.92
C ALA D 20 -9.76 -1.96 17.68
N GLU D 21 -10.98 -1.78 17.18
CA GLU D 21 -12.01 -1.03 17.87
C GLU D 21 -13.16 -1.97 18.22
N ALA D 22 -13.73 -1.77 19.41
CA ALA D 22 -14.81 -2.63 19.86
C ALA D 22 -16.00 -2.52 18.91
N GLY D 23 -16.51 -3.67 18.47
CA GLY D 23 -17.70 -3.67 17.58
C GLY D 23 -17.36 -3.34 16.14
N VAL D 24 -16.08 -3.13 15.84
CA VAL D 24 -15.65 -2.83 14.45
C VAL D 24 -14.73 -3.96 13.95
N PRO D 25 -15.11 -4.64 12.86
CA PRO D 25 -14.31 -5.72 12.29
C PRO D 25 -12.82 -5.39 12.08
N ALA D 26 -11.95 -6.18 12.69
CA ALA D 26 -10.50 -6.02 12.50
C ALA D 26 -10.03 -7.08 11.51
N GLU D 27 -9.06 -6.74 10.67
CA GLU D 27 -8.67 -7.61 9.57
C GLU D 27 -7.18 -7.87 9.59
N PHE D 28 -6.78 -9.08 9.20
CA PHE D 28 -5.39 -9.39 8.94
C PHE D 28 -5.34 -10.59 8.00
N SER D 29 -4.13 -10.88 7.50
CA SER D 29 -3.92 -11.96 6.54
C SER D 29 -2.83 -12.89 7.04
N ILE D 30 -2.94 -14.16 6.67
CA ILE D 30 -2.00 -15.19 7.06
C ILE D 30 -1.38 -15.78 5.81
N TRP D 31 -0.07 -15.64 5.67
CA TRP D 31 0.67 -16.14 4.51
C TRP D 31 1.17 -17.56 4.81
N THR D 32 0.64 -18.55 4.09
CA THR D 32 0.98 -19.94 4.33
C THR D 32 1.53 -20.63 3.08
N ARG D 33 2.01 -19.88 2.09
CA ARG D 33 2.45 -20.51 0.82
C ARG D 33 3.57 -21.50 1.09
N GLU D 34 4.45 -21.18 2.03
CA GLU D 34 5.67 -22.00 2.22
C GLU D 34 5.50 -22.99 3.37
N ALA D 35 4.28 -23.14 3.89
CA ALA D 35 4.08 -24.00 5.07
C ALA D 35 3.74 -25.43 4.62
N GLY D 36 2.94 -25.56 3.56
CA GLY D 36 2.58 -26.87 3.10
C GLY D 36 1.28 -27.37 3.71
N ALA D 37 1.18 -28.68 3.92
CA ALA D 37 -0.05 -29.27 4.45
C ALA D 37 -0.18 -28.98 5.93
N GLY D 38 -1.32 -28.42 6.33
CA GLY D 38 -1.55 -28.13 7.73
C GLY D 38 -2.88 -27.42 7.91
N GLY D 39 -3.24 -27.25 9.17
CA GLY D 39 -4.50 -26.60 9.55
C GLY D 39 -4.25 -25.33 10.33
N LEU D 40 -5.03 -24.29 10.00
CA LEU D 40 -4.92 -23.00 10.66
C LEU D 40 -5.85 -22.93 11.86
N ALA D 41 -5.34 -22.40 12.97
CA ALA D 41 -6.13 -22.22 14.18
C ALA D 41 -6.01 -20.76 14.62
N ILE D 42 -7.16 -20.13 14.85
CA ILE D 42 -7.21 -18.73 15.28
C ILE D 42 -8.08 -18.64 16.51
N ALA D 43 -7.57 -17.97 17.55
CA ALA D 43 -8.33 -17.71 18.77
C ALA D 43 -8.03 -16.28 19.21
N VAL D 44 -9.05 -15.62 19.75
CA VAL D 44 -8.92 -14.28 20.29
C VAL D 44 -9.43 -14.32 21.72
N GLU D 45 -8.51 -14.20 22.68
CA GLU D 45 -8.83 -14.29 24.10
C GLU D 45 -8.80 -12.90 24.71
N GLY D 46 -9.82 -12.58 25.50
CA GLY D 46 -9.93 -11.28 26.13
C GLY D 46 -11.26 -11.12 26.84
N PRO D 47 -11.60 -9.89 27.19
CA PRO D 47 -12.83 -9.65 27.96
C PRO D 47 -14.11 -9.70 27.15
N SER D 48 -14.15 -10.48 26.06
CA SER D 48 -15.39 -10.71 25.33
C SER D 48 -15.17 -11.84 24.34
N LYS D 49 -16.27 -12.51 23.98
CA LYS D 49 -16.22 -13.55 22.97
C LYS D 49 -15.97 -12.93 21.60
N ALA D 50 -15.04 -13.52 20.86
CA ALA D 50 -14.70 -13.05 19.52
C ALA D 50 -15.44 -13.88 18.48
N GLU D 51 -15.94 -13.20 17.44
CA GLU D 51 -16.55 -13.86 16.28
C GLU D 51 -15.56 -13.74 15.13
N ILE D 52 -15.04 -14.88 14.68
CA ILE D 52 -13.90 -14.93 13.78
C ILE D 52 -14.33 -15.60 12.49
N SER D 53 -14.17 -14.88 11.38
CA SER D 53 -14.40 -15.43 10.05
C SER D 53 -13.09 -15.45 9.28
N PHE D 54 -12.99 -16.38 8.33
CA PHE D 54 -11.80 -16.49 7.50
C PHE D 54 -12.21 -16.70 6.05
N GLU D 55 -11.25 -16.47 5.15
CA GLU D 55 -11.54 -16.43 3.72
C GLU D 55 -10.23 -16.68 2.97
N ASP D 56 -10.09 -17.87 2.40
CA ASP D 56 -8.89 -18.20 1.63
C ASP D 56 -8.93 -17.48 0.29
N ARG D 57 -7.87 -16.73 -0.02
CA ARG D 57 -7.78 -16.01 -1.28
C ARG D 57 -7.13 -16.85 -2.39
N LYS D 58 -6.77 -18.10 -2.10
CA LYS D 58 -6.18 -19.01 -3.07
C LYS D 58 -4.98 -18.40 -3.78
N ASP D 59 -4.22 -17.57 -3.05
CA ASP D 59 -2.98 -16.98 -3.53
C ASP D 59 -1.82 -17.29 -2.60
N GLY D 60 -1.94 -18.35 -1.80
CA GLY D 60 -1.00 -18.63 -0.75
C GLY D 60 -1.27 -17.91 0.56
N SER D 61 -2.34 -17.11 0.62
CA SER D 61 -2.68 -16.34 1.81
C SER D 61 -4.14 -16.56 2.16
N CYS D 62 -4.46 -16.33 3.43
CA CYS D 62 -5.81 -16.49 3.96
C CYS D 62 -6.19 -15.22 4.71
N GLY D 63 -7.33 -14.63 4.35
CA GLY D 63 -7.81 -13.43 5.01
C GLY D 63 -8.66 -13.74 6.23
N VAL D 64 -8.55 -12.89 7.25
CA VAL D 64 -9.21 -13.13 8.53
C VAL D 64 -9.82 -11.83 9.03
N ALA D 65 -11.00 -11.93 9.64
CA ALA D 65 -11.68 -10.79 10.23
C ALA D 65 -12.38 -11.23 11.50
N TYR D 66 -12.12 -10.53 12.60
CA TYR D 66 -12.73 -10.83 13.88
C TYR D 66 -13.35 -9.57 14.47
N VAL D 67 -14.31 -9.76 15.37
CA VAL D 67 -14.95 -8.66 16.08
C VAL D 67 -15.11 -9.04 17.54
N VAL D 68 -14.72 -8.13 18.43
CA VAL D 68 -15.00 -8.25 19.85
C VAL D 68 -15.82 -7.04 20.26
N GLN D 69 -16.62 -7.21 21.31
CA GLN D 69 -17.57 -6.17 21.70
C GLN D 69 -17.11 -5.33 22.88
N GLU D 70 -16.24 -5.86 23.74
CA GLU D 70 -15.80 -4.95 24.78
C GLU D 70 -14.40 -4.43 24.51
N PRO D 71 -14.12 -3.17 24.83
CA PRO D 71 -12.73 -2.69 24.78
C PRO D 71 -11.89 -3.34 25.87
N GLY D 72 -10.60 -3.37 25.62
CA GLY D 72 -9.66 -3.99 26.54
C GLY D 72 -8.46 -4.51 25.79
N ASP D 73 -7.67 -5.32 26.48
CA ASP D 73 -6.48 -5.94 25.92
C ASP D 73 -6.77 -7.38 25.55
N TYR D 74 -6.48 -7.74 24.31
CA TYR D 74 -6.74 -9.07 23.78
C TYR D 74 -5.46 -9.70 23.29
N GLU D 75 -5.54 -11.00 23.00
CA GLU D 75 -4.44 -11.75 22.42
C GLU D 75 -4.96 -12.57 21.25
N VAL D 76 -4.39 -12.33 20.07
CA VAL D 76 -4.72 -13.10 18.88
C VAL D 76 -3.67 -14.19 18.71
N SER D 77 -4.10 -15.45 18.79
CA SER D 77 -3.23 -16.58 18.51
C SER D 77 -3.48 -17.09 17.10
N VAL D 78 -2.38 -17.40 16.40
CA VAL D 78 -2.43 -17.97 15.06
C VAL D 78 -1.54 -19.20 15.10
N LYS D 79 -2.16 -20.38 15.13
CA LYS D 79 -1.43 -21.64 15.17
C LYS D 79 -1.58 -22.38 13.86
N PHE D 80 -0.47 -22.95 13.38
CA PHE D 80 -0.45 -23.78 12.19
C PHE D 80 0.00 -25.18 12.62
N ASN D 81 -0.89 -26.15 12.48
CA ASN D 81 -0.65 -27.51 12.98
C ASN D 81 -0.31 -27.49 14.46
N GLU D 82 -1.15 -26.78 15.22
CA GLU D 82 -1.09 -26.71 16.68
C GLU D 82 0.19 -26.09 17.21
N GLU D 83 0.89 -25.30 16.39
CA GLU D 83 2.08 -24.58 16.80
C GLU D 83 1.94 -23.10 16.52
N HIS D 84 2.34 -22.27 17.47
CA HIS D 84 2.32 -20.82 17.28
C HIS D 84 3.24 -20.45 16.12
N ILE D 85 2.72 -19.64 15.20
CA ILE D 85 3.51 -19.09 14.11
C ILE D 85 4.39 -17.99 14.70
N PRO D 86 5.45 -17.55 14.02
CA PRO D 86 6.32 -16.52 14.60
C PRO D 86 5.56 -15.26 14.95
N ASP D 87 5.75 -14.80 16.19
CA ASP D 87 5.17 -13.62 16.84
C ASP D 87 3.66 -13.87 16.84
N SER D 88 3.24 -15.10 17.23
CA SER D 88 1.96 -15.37 17.86
C SER D 88 2.29 -15.89 19.26
N PRO D 89 1.52 -15.51 20.30
CA PRO D 89 0.33 -14.66 20.27
C PRO D 89 0.61 -13.16 20.07
N PHE D 90 -0.34 -12.46 19.48
CA PHE D 90 -0.22 -11.04 19.20
C PHE D 90 -1.01 -10.25 20.23
N VAL D 91 -0.38 -9.22 20.80
CA VAL D 91 -1.09 -8.33 21.71
C VAL D 91 -1.82 -7.27 20.89
N VAL D 92 -3.09 -7.06 21.20
CA VAL D 92 -3.93 -6.14 20.43
C VAL D 92 -4.79 -5.32 21.39
N PRO D 93 -4.56 -4.01 21.50
CA PRO D 93 -5.41 -3.17 22.35
C PRO D 93 -6.65 -2.73 21.58
N VAL D 94 -7.82 -3.00 22.17
CA VAL D 94 -9.11 -2.69 21.57
C VAL D 94 -9.70 -1.51 22.31
N ALA D 95 -9.97 -0.43 21.57
CA ALA D 95 -10.50 0.80 22.14
C ALA D 95 -11.99 0.94 21.84
N SER D 96 -12.59 1.97 22.44
CA SER D 96 -13.97 2.33 22.15
C SER D 96 -14.02 3.34 21.01
N PRO D 97 -14.93 3.17 20.05
CA PRO D 97 -14.98 4.07 18.89
C PRO D 97 -15.80 5.32 19.13
#